data_7ES1
#
_entry.id   7ES1
#
_cell.length_a   50.843
_cell.length_b   83.042
_cell.length_c   109.167
_cell.angle_alpha   90.000
_cell.angle_beta   90.000
_cell.angle_gamma   90.000
#
_symmetry.space_group_name_H-M   'P 21 21 21'
#
loop_
_entity.id
_entity.type
_entity.pdbx_description
1 polymer Glycosyltransferase
2 non-polymer "URIDINE-5'-DIPHOSPHATE"
3 non-polymer steviol-19-o-glucoside
4 water water
#
_entity_poly.entity_id   1
_entity_poly.type   'polypeptide(L)'
_entity_poly.pdbx_seq_one_letter_code
;MDSGYSSSYAAAAGMHVVICPWLAFGHLLPCLDLAQRLASRGHRVSFVSTPRNISRLPPVRPALAPLVAFVALPLPRVEG
LPDGAESTNDVPHDRPDMVELHRRAFDGLAAPFSEFLGTACADWVIVDVFHHWAAAAALEHKVPCAMMLLGSAHMIASIA
DRRLERAETESPAAAGQGRPAAAPTFEVARMKLIRTKGSSGMSLAERFSLTLSRSSLVVGRSCVEFEPETVPLLSTLRGK
PITFLGLMPPLHEGRREDGEDATVRWLDAQPAKSVVYVALGSEVPLGVEKVHELALGLELAGTRFLWALRKPTGVSDADL
LPAGFEERTRGRGVVATRWVPQMSILAHAAVGAFLTHCGWNSTIEGLMFGHPLIMLPIFGDQGPNARLIEAKNAGLQVAR
NDGDGSFDREGVAAAIRAVAVEEESSKVFQAKAKKLQEIVADMACHERYIDGFIQQLRSYKDLEHHHHHH
;
_entity_poly.pdbx_strand_id   A
#
loop_
_chem_comp.id
_chem_comp.type
_chem_comp.name
_chem_comp.formula
JDF non-polymer steviol-19-o-glucoside 'C26 H40 O8'
UDP RNA linking URIDINE-5'-DIPHOSPHATE 'C9 H14 N2 O12 P2'
#
# COMPACT_ATOMS: atom_id res chain seq x y z
N MET A 15 16.12 7.72 -20.37
CA MET A 15 16.78 8.12 -19.09
C MET A 15 17.12 6.84 -18.29
N HIS A 16 18.13 6.92 -17.43
CA HIS A 16 18.40 5.89 -16.40
C HIS A 16 17.83 6.38 -15.07
N VAL A 17 16.78 5.73 -14.57
CA VAL A 17 16.13 6.13 -13.28
C VAL A 17 16.49 5.09 -12.22
N VAL A 18 17.01 5.56 -11.08
CA VAL A 18 17.33 4.70 -9.91
C VAL A 18 16.17 4.80 -8.92
N ILE A 19 15.51 3.70 -8.58
CA ILE A 19 14.35 3.72 -7.63
C ILE A 19 14.76 2.98 -6.37
N CYS A 20 14.46 3.60 -5.22
N CYS A 20 14.60 3.59 -5.18
CA CYS A 20 14.87 3.17 -3.86
CA CYS A 20 14.94 2.95 -3.88
C CYS A 20 13.64 3.09 -2.97
C CYS A 20 13.72 3.02 -2.96
N PRO A 21 12.83 2.01 -3.03
CA PRO A 21 11.66 1.94 -2.19
C PRO A 21 11.97 1.65 -0.73
N TRP A 22 11.08 2.11 0.15
CA TRP A 22 11.09 1.73 1.58
C TRP A 22 10.93 0.20 1.68
N LEU A 23 11.48 -0.39 2.73
CA LEU A 23 11.58 -1.86 2.91
C LEU A 23 10.24 -2.35 3.47
N ALA A 24 9.23 -2.28 2.61
CA ALA A 24 7.81 -2.52 2.96
C ALA A 24 7.07 -2.86 1.66
N PHE A 25 6.16 -3.84 1.67
CA PHE A 25 5.54 -4.36 0.44
C PHE A 25 4.55 -3.35 -0.15
N GLY A 26 3.96 -2.47 0.65
CA GLY A 26 3.13 -1.37 0.14
C GLY A 26 3.93 -0.33 -0.61
N HIS A 27 5.26 -0.38 -0.50
CA HIS A 27 6.20 0.50 -1.23
C HIS A 27 6.88 -0.28 -2.36
N LEU A 28 7.41 -1.46 -2.06
CA LEU A 28 8.10 -2.31 -3.06
C LEU A 28 7.17 -2.62 -4.23
N LEU A 29 5.90 -2.97 -3.98
CA LEU A 29 5.01 -3.41 -5.08
C LEU A 29 4.70 -2.29 -6.07
N PRO A 30 4.18 -1.11 -5.66
CA PRO A 30 3.94 -0.05 -6.65
C PRO A 30 5.23 0.44 -7.32
N CYS A 31 6.35 0.37 -6.61
CA CYS A 31 7.65 0.81 -7.18
C CYS A 31 8.08 -0.16 -8.30
N LEU A 32 7.84 -1.45 -8.15
CA LEU A 32 8.19 -2.42 -9.22
C LEU A 32 7.25 -2.20 -10.40
N ASP A 33 5.98 -1.88 -10.14
CA ASP A 33 5.01 -1.52 -11.21
C ASP A 33 5.51 -0.27 -11.94
N LEU A 34 5.91 0.78 -11.21
CA LEU A 34 6.41 2.03 -11.83
C LEU A 34 7.68 1.74 -12.66
N ALA A 35 8.57 0.93 -12.14
CA ALA A 35 9.83 0.53 -12.82
C ALA A 35 9.47 -0.04 -14.20
N GLN A 36 8.53 -0.97 -14.25
CA GLN A 36 8.16 -1.65 -15.51
C GLN A 36 7.45 -0.64 -16.43
N ARG A 37 6.64 0.26 -15.88
CA ARG A 37 5.98 1.28 -16.73
C ARG A 37 7.04 2.18 -17.38
N LEU A 38 8.10 2.52 -16.64
CA LEU A 38 9.20 3.37 -17.17
C LEU A 38 9.93 2.58 -18.27
N ALA A 39 10.24 1.32 -17.98
CA ALA A 39 10.97 0.43 -18.93
C ALA A 39 10.13 0.21 -20.19
N SER A 40 8.80 0.16 -20.07
CA SER A 40 7.87 0.00 -21.22
C SER A 40 7.97 1.20 -22.18
N ARG A 41 8.38 2.38 -21.69
CA ARG A 41 8.59 3.58 -22.55
C ARG A 41 10.05 3.67 -23.00
N GLY A 42 10.86 2.67 -22.69
CA GLY A 42 12.23 2.53 -23.19
C GLY A 42 13.26 3.16 -22.27
N HIS A 43 12.85 3.60 -21.08
CA HIS A 43 13.81 4.05 -20.03
C HIS A 43 14.39 2.80 -19.41
N ARG A 44 15.49 2.94 -18.69
CA ARG A 44 16.07 1.83 -17.90
C ARG A 44 16.04 2.18 -16.42
N VAL A 45 15.84 1.17 -15.60
CA VAL A 45 15.61 1.35 -14.15
C VAL A 45 16.60 0.46 -13.41
N SER A 46 17.22 1.01 -12.38
CA SER A 46 17.90 0.25 -11.32
C SER A 46 16.99 0.25 -10.09
N PHE A 47 16.47 -0.93 -9.74
CA PHE A 47 15.57 -1.11 -8.59
C PHE A 47 16.46 -1.55 -7.42
N VAL A 48 16.68 -0.63 -6.48
CA VAL A 48 17.67 -0.82 -5.39
C VAL A 48 16.90 -1.26 -4.14
N SER A 49 17.22 -2.44 -3.64
CA SER A 49 16.63 -2.94 -2.37
C SER A 49 17.56 -4.00 -1.79
N THR A 50 17.03 -4.77 -0.85
CA THR A 50 17.78 -5.81 -0.11
C THR A 50 17.40 -7.17 -0.70
N PRO A 51 18.28 -8.18 -0.59
CA PRO A 51 18.13 -9.42 -1.35
C PRO A 51 16.84 -10.24 -1.09
N ARG A 52 16.44 -10.42 0.17
CA ARG A 52 15.21 -11.20 0.47
C ARG A 52 13.98 -10.42 -0.03
N ASN A 53 13.98 -9.10 0.10
CA ASN A 53 12.85 -8.29 -0.41
C ASN A 53 12.74 -8.52 -1.91
N ILE A 54 13.87 -8.48 -2.61
CA ILE A 54 13.88 -8.64 -4.10
C ILE A 54 13.38 -10.04 -4.45
N SER A 55 13.76 -11.07 -3.69
CA SER A 55 13.44 -12.49 -3.99
C SER A 55 11.93 -12.76 -3.84
N ARG A 56 11.21 -11.90 -3.13
CA ARG A 56 9.76 -12.09 -2.85
C ARG A 56 8.90 -11.29 -3.83
N LEU A 57 9.51 -10.59 -4.80
CA LEU A 57 8.77 -9.71 -5.75
C LEU A 57 8.29 -10.48 -6.97
N PRO A 58 7.18 -10.01 -7.59
CA PRO A 58 6.68 -10.59 -8.84
C PRO A 58 7.76 -10.46 -9.92
N PRO A 59 7.78 -11.38 -10.91
CA PRO A 59 8.84 -11.35 -11.92
C PRO A 59 8.62 -10.14 -12.85
N VAL A 60 9.69 -9.57 -13.37
CA VAL A 60 9.62 -8.55 -14.47
C VAL A 60 9.31 -9.31 -15.77
N ARG A 61 8.46 -8.75 -16.63
CA ARG A 61 8.12 -9.33 -17.96
C ARG A 61 9.42 -9.59 -18.72
N PRO A 62 9.62 -10.77 -19.34
CA PRO A 62 10.84 -11.05 -20.12
C PRO A 62 11.23 -9.93 -21.10
N ALA A 63 10.26 -9.25 -21.70
CA ALA A 63 10.47 -8.13 -22.66
C ALA A 63 11.24 -6.99 -21.99
N LEU A 64 11.16 -6.85 -20.67
CA LEU A 64 11.73 -5.70 -19.91
C LEU A 64 12.98 -6.13 -19.12
N ALA A 65 13.40 -7.39 -19.21
CA ALA A 65 14.44 -8.00 -18.35
C ALA A 65 15.71 -7.14 -18.31
N PRO A 66 16.32 -6.77 -19.45
CA PRO A 66 17.54 -5.96 -19.42
C PRO A 66 17.34 -4.49 -19.08
N LEU A 67 16.10 -4.02 -18.95
CA LEU A 67 15.76 -2.60 -18.70
C LEU A 67 15.38 -2.37 -17.23
N VAL A 68 15.17 -3.44 -16.46
CA VAL A 68 14.92 -3.34 -15.00
C VAL A 68 15.99 -4.18 -14.29
N ALA A 69 17.04 -3.51 -13.83
CA ALA A 69 18.21 -4.12 -13.16
C ALA A 69 17.97 -4.09 -11.66
N PHE A 70 17.89 -5.26 -11.02
CA PHE A 70 17.80 -5.37 -9.54
C PHE A 70 19.18 -5.18 -8.92
N VAL A 71 19.31 -4.17 -8.07
CA VAL A 71 20.57 -3.85 -7.35
C VAL A 71 20.35 -4.27 -5.89
N ALA A 72 20.88 -5.43 -5.50
CA ALA A 72 20.75 -6.00 -4.13
C ALA A 72 21.87 -5.46 -3.24
N LEU A 73 21.54 -4.65 -2.24
CA LEU A 73 22.47 -4.21 -1.17
C LEU A 73 22.13 -5.00 0.09
N PRO A 74 23.03 -5.87 0.61
CA PRO A 74 22.74 -6.60 1.84
C PRO A 74 22.53 -5.64 3.02
N LEU A 75 21.50 -5.88 3.83
CA LEU A 75 21.33 -5.23 5.15
C LEU A 75 22.55 -5.55 5.99
N PRO A 76 23.20 -4.55 6.63
CA PRO A 76 24.25 -4.85 7.59
C PRO A 76 23.62 -5.62 8.76
N ARG A 77 24.38 -6.50 9.39
CA ARG A 77 23.96 -7.28 10.57
C ARG A 77 23.88 -6.32 11.77
N VAL A 78 22.86 -6.50 12.59
CA VAL A 78 22.62 -5.73 13.85
C VAL A 78 22.16 -6.77 14.88
N GLU A 79 22.86 -6.87 16.01
CA GLU A 79 22.51 -7.82 17.09
C GLU A 79 21.08 -7.52 17.56
N GLY A 80 20.23 -8.55 17.60
CA GLY A 80 18.81 -8.44 17.99
C GLY A 80 17.88 -8.44 16.78
N LEU A 81 18.42 -8.16 15.58
CA LEU A 81 17.65 -8.20 14.30
C LEU A 81 17.97 -9.53 13.61
N PRO A 82 16.98 -10.46 13.52
CA PRO A 82 17.20 -11.72 12.84
C PRO A 82 17.63 -11.53 11.38
N ASP A 83 18.54 -12.38 10.92
CA ASP A 83 18.88 -12.53 9.49
C ASP A 83 17.59 -12.77 8.70
N GLY A 84 17.40 -12.04 7.60
CA GLY A 84 16.23 -12.18 6.72
C GLY A 84 15.06 -11.30 7.13
N ALA A 85 15.14 -10.63 8.29
CA ALA A 85 14.11 -9.66 8.75
C ALA A 85 14.37 -8.30 8.08
N GLU A 86 13.98 -8.18 6.81
CA GLU A 86 14.39 -7.08 5.91
C GLU A 86 13.26 -6.06 5.69
N SER A 87 12.00 -6.41 5.97
CA SER A 87 10.83 -5.58 5.61
C SER A 87 9.91 -5.41 6.82
N THR A 88 9.00 -4.44 6.74
CA THR A 88 7.95 -4.17 7.76
C THR A 88 6.99 -5.36 7.86
N ASN A 89 7.01 -6.27 6.90
CA ASN A 89 6.19 -7.53 6.96
C ASN A 89 6.89 -8.56 7.87
N ASP A 90 8.21 -8.40 8.07
CA ASP A 90 9.08 -9.36 8.82
C ASP A 90 9.40 -8.82 10.22
N VAL A 91 9.47 -7.50 10.34
CA VAL A 91 9.80 -6.78 11.60
C VAL A 91 8.50 -6.17 12.10
N PRO A 92 7.90 -6.74 13.17
CA PRO A 92 6.55 -6.34 13.58
C PRO A 92 6.55 -5.05 14.38
N HIS A 93 5.58 -4.17 14.08
CA HIS A 93 5.34 -2.90 14.80
C HIS A 93 5.11 -3.15 16.29
N ASP A 94 4.59 -4.32 16.66
CA ASP A 94 4.26 -4.62 18.09
C ASP A 94 5.55 -4.99 18.84
N ARG A 95 6.71 -4.91 18.19
CA ARG A 95 8.04 -5.03 18.86
C ARG A 95 8.87 -3.80 18.51
N PRO A 96 8.61 -2.65 19.17
CA PRO A 96 9.29 -1.40 18.83
C PRO A 96 10.82 -1.46 18.91
N ASP A 97 11.37 -2.33 19.78
CA ASP A 97 12.83 -2.53 19.89
C ASP A 97 13.37 -3.06 18.56
N MET A 98 12.66 -4.00 17.92
CA MET A 98 13.14 -4.57 16.64
C MET A 98 12.93 -3.53 15.53
N VAL A 99 11.84 -2.77 15.56
CA VAL A 99 11.62 -1.66 14.58
C VAL A 99 12.89 -0.79 14.55
N GLU A 100 13.39 -0.40 15.72
CA GLU A 100 14.56 0.49 15.87
C GLU A 100 15.82 -0.17 15.29
N LEU A 101 16.02 -1.46 15.56
CA LEU A 101 17.19 -2.20 15.03
C LEU A 101 17.13 -2.21 13.50
N HIS A 102 15.93 -2.42 12.94
CA HIS A 102 15.72 -2.46 11.48
C HIS A 102 16.01 -1.09 10.86
N ARG A 103 15.62 0.02 11.52
CA ARG A 103 15.94 1.40 11.07
C ARG A 103 17.46 1.59 11.03
N ARG A 104 18.18 1.08 12.03
CA ARG A 104 19.66 1.19 12.12
C ARG A 104 20.30 0.45 10.93
N ALA A 105 19.83 -0.77 10.65
CA ALA A 105 20.31 -1.61 9.52
C ALA A 105 20.07 -0.85 8.22
N PHE A 106 18.85 -0.33 8.04
CA PHE A 106 18.44 0.44 6.85
C PHE A 106 19.40 1.62 6.62
N ASP A 107 19.69 2.39 7.66
CA ASP A 107 20.57 3.59 7.55
C ASP A 107 22.00 3.15 7.18
N GLY A 108 22.38 1.93 7.55
CA GLY A 108 23.69 1.34 7.22
C GLY A 108 23.86 1.08 5.72
N LEU A 109 22.79 1.18 4.93
CA LEU A 109 22.87 1.06 3.45
C LEU A 109 23.50 2.30 2.81
N ALA A 110 23.71 3.40 3.55
CA ALA A 110 24.16 4.71 3.00
C ALA A 110 25.41 4.55 2.11
N ALA A 111 26.50 4.01 2.63
CA ALA A 111 27.81 4.02 1.94
C ALA A 111 27.76 3.13 0.69
N PRO A 112 27.25 1.88 0.78
CA PRO A 112 27.05 1.04 -0.42
C PRO A 112 26.17 1.70 -1.48
N PHE A 113 25.11 2.41 -1.07
CA PHE A 113 24.23 3.10 -2.04
C PHE A 113 25.03 4.20 -2.72
N SER A 114 25.78 5.01 -1.97
CA SER A 114 26.54 6.14 -2.57
C SER A 114 27.57 5.58 -3.55
N GLU A 115 28.23 4.49 -3.18
CA GLU A 115 29.24 3.81 -4.04
C GLU A 115 28.56 3.36 -5.35
N PHE A 116 27.40 2.71 -5.25
CA PHE A 116 26.62 2.32 -6.45
C PHE A 116 26.30 3.57 -7.29
N LEU A 117 25.76 4.64 -6.68
CA LEU A 117 25.20 5.78 -7.45
C LEU A 117 26.31 6.51 -8.26
N GLY A 118 27.51 6.64 -7.70
CA GLY A 118 28.62 7.40 -8.32
C GLY A 118 28.93 6.96 -9.74
N THR A 119 28.85 5.66 -10.03
CA THR A 119 29.23 5.08 -11.34
C THR A 119 27.97 4.62 -12.10
N ALA A 120 26.77 5.03 -11.68
CA ALA A 120 25.49 4.49 -12.22
C ALA A 120 25.05 5.23 -13.49
N CYS A 121 25.63 6.40 -13.81
CA CYS A 121 25.18 7.26 -14.95
C CYS A 121 23.66 7.47 -14.82
N ALA A 122 23.20 7.84 -13.63
CA ALA A 122 21.77 8.03 -13.35
C ALA A 122 21.36 9.44 -13.81
N ASP A 123 20.19 9.55 -14.43
CA ASP A 123 19.57 10.86 -14.76
C ASP A 123 18.70 11.32 -13.58
N TRP A 124 18.08 10.37 -12.87
CA TRP A 124 17.24 10.64 -11.68
C TRP A 124 17.43 9.55 -10.63
N VAL A 125 17.26 9.96 -9.38
CA VAL A 125 17.02 9.04 -8.24
C VAL A 125 15.60 9.34 -7.73
N ILE A 126 14.83 8.29 -7.50
CA ILE A 126 13.49 8.36 -6.88
C ILE A 126 13.59 7.60 -5.57
N VAL A 127 13.44 8.33 -4.47
CA VAL A 127 13.70 7.77 -3.12
C VAL A 127 12.42 7.84 -2.31
N ASP A 128 12.31 6.97 -1.32
CA ASP A 128 11.11 6.90 -0.48
C ASP A 128 11.31 7.83 0.71
N VAL A 129 10.29 7.84 1.54
CA VAL A 129 9.99 8.87 2.54
C VAL A 129 11.10 8.93 3.61
N PHE A 130 11.83 7.85 3.88
CA PHE A 130 12.87 7.79 4.95
C PHE A 130 14.30 7.68 4.39
N HIS A 131 14.49 7.78 3.08
CA HIS A 131 15.79 7.59 2.39
C HIS A 131 16.62 8.88 2.47
N HIS A 132 16.82 9.42 3.67
CA HIS A 132 17.61 10.68 3.83
C HIS A 132 19.01 10.51 3.26
N TRP A 133 19.64 9.36 3.48
CA TRP A 133 21.02 9.06 3.00
C TRP A 133 21.05 8.98 1.47
N ALA A 134 20.03 8.38 0.83
CA ALA A 134 19.97 8.29 -0.64
C ALA A 134 19.87 9.71 -1.23
N ALA A 135 19.11 10.61 -0.61
CA ALA A 135 18.96 12.01 -1.07
C ALA A 135 20.31 12.73 -0.91
N ALA A 136 21.05 12.41 0.14
CA ALA A 136 22.41 12.97 0.39
C ALA A 136 23.37 12.46 -0.70
N ALA A 137 23.30 11.18 -1.05
CA ALA A 137 24.14 10.61 -2.13
C ALA A 137 23.82 11.32 -3.44
N ALA A 138 22.54 11.57 -3.74
CA ALA A 138 22.13 12.24 -4.98
C ALA A 138 22.74 13.65 -5.01
N LEU A 139 22.77 14.36 -3.89
CA LEU A 139 23.44 15.70 -3.83
C LEU A 139 24.92 15.52 -4.18
N GLU A 140 25.59 14.58 -3.50
CA GLU A 140 27.06 14.34 -3.65
C GLU A 140 27.37 14.06 -5.12
N HIS A 141 26.53 13.27 -5.80
CA HIS A 141 26.81 12.81 -7.19
C HIS A 141 26.07 13.66 -8.24
N LYS A 142 25.42 14.74 -7.82
CA LYS A 142 24.80 15.76 -8.73
C LYS A 142 23.73 15.06 -9.59
N VAL A 143 22.94 14.20 -8.96
CA VAL A 143 21.80 13.51 -9.64
C VAL A 143 20.51 14.09 -9.07
N PRO A 144 19.63 14.64 -9.91
CA PRO A 144 18.34 15.14 -9.43
C PRO A 144 17.59 14.03 -8.69
N CYS A 145 16.90 14.37 -7.60
CA CYS A 145 16.28 13.41 -6.66
C CYS A 145 14.81 13.78 -6.43
N ALA A 146 13.92 12.86 -6.73
CA ALA A 146 12.47 13.00 -6.44
C ALA A 146 12.17 12.15 -5.21
N MET A 147 11.43 12.72 -4.25
CA MET A 147 10.94 11.97 -3.08
C MET A 147 9.53 11.48 -3.38
N MET A 148 9.32 10.17 -3.25
CA MET A 148 8.00 9.53 -3.34
C MET A 148 7.20 9.80 -2.09
N LEU A 149 5.98 10.28 -2.28
CA LEU A 149 4.92 10.29 -1.26
C LEU A 149 3.70 9.73 -1.97
N LEU A 150 3.72 8.43 -2.25
CA LEU A 150 2.78 7.79 -3.21
C LEU A 150 1.45 7.58 -2.48
N GLY A 151 0.84 8.69 -2.08
CA GLY A 151 -0.49 8.68 -1.47
C GLY A 151 -1.39 9.71 -2.11
N SER A 152 -2.47 10.02 -1.41
CA SER A 152 -3.53 10.91 -1.94
C SER A 152 -3.07 12.37 -1.90
N ALA A 153 -3.68 13.22 -2.71
CA ALA A 153 -3.47 14.68 -2.59
C ALA A 153 -3.92 15.15 -1.22
N HIS A 154 -5.02 14.60 -0.69
CA HIS A 154 -5.54 14.98 0.64
C HIS A 154 -4.46 14.73 1.70
N MET A 155 -3.76 13.61 1.59
CA MET A 155 -2.67 13.24 2.56
C MET A 155 -1.56 14.28 2.45
N ILE A 156 -1.13 14.61 1.24
CA ILE A 156 -0.04 15.61 1.03
C ILE A 156 -0.48 16.97 1.61
N ALA A 157 -1.73 17.38 1.38
CA ALA A 157 -2.27 18.65 1.92
C ALA A 157 -2.25 18.60 3.45
N SER A 158 -2.53 17.44 4.06
N SER A 158 -2.47 17.43 4.06
CA SER A 158 -2.52 17.26 5.54
CA SER A 158 -2.56 17.25 5.55
C SER A 158 -1.12 17.56 6.06
C SER A 158 -1.16 17.30 6.19
N ILE A 159 -0.11 16.94 5.45
CA ILE A 159 1.31 17.05 5.92
C ILE A 159 1.75 18.50 5.80
N ALA A 160 1.38 19.16 4.71
CA ALA A 160 1.75 20.56 4.40
C ALA A 160 1.21 21.50 5.49
N ASP A 161 0.07 21.17 6.08
CA ASP A 161 -0.59 22.02 7.11
C ASP A 161 0.24 21.95 8.41
N MET A 202 17.11 8.94 15.23
CA MET A 202 16.44 9.85 14.27
C MET A 202 14.93 9.52 14.18
N SER A 203 14.04 10.48 14.42
CA SER A 203 12.56 10.32 14.45
C SER A 203 12.01 10.27 13.01
N LEU A 204 10.83 9.68 12.80
CA LEU A 204 10.20 9.48 11.46
C LEU A 204 10.03 10.85 10.79
N ALA A 205 9.48 11.84 11.51
CA ALA A 205 9.20 13.19 11.00
C ALA A 205 10.50 13.86 10.55
N GLU A 206 11.58 13.66 11.30
CA GLU A 206 12.91 14.27 11.03
C GLU A 206 13.55 13.56 9.83
N ARG A 207 13.43 12.23 9.73
CA ARG A 207 13.89 11.43 8.56
C ARG A 207 13.17 11.93 7.31
N PHE A 208 11.85 12.09 7.40
CA PHE A 208 10.98 12.62 6.31
C PHE A 208 11.45 14.03 5.91
N SER A 209 11.54 14.93 6.89
CA SER A 209 11.89 16.35 6.70
C SER A 209 13.25 16.48 5.99
N LEU A 210 14.24 15.69 6.40
CA LEU A 210 15.61 15.73 5.83
C LEU A 210 15.57 15.19 4.39
N THR A 211 14.87 14.09 4.12
CA THR A 211 14.78 13.54 2.75
C THR A 211 14.15 14.59 1.84
N LEU A 212 13.06 15.19 2.31
CA LEU A 212 12.30 16.20 1.52
C LEU A 212 13.21 17.41 1.22
N SER A 213 13.90 17.95 2.21
CA SER A 213 14.73 19.16 2.06
C SER A 213 15.81 18.95 0.98
N ARG A 214 16.39 17.75 0.97
CA ARG A 214 17.51 17.39 0.06
C ARG A 214 16.98 17.06 -1.35
N SER A 215 15.69 16.80 -1.54
CA SER A 215 15.11 16.43 -2.86
C SER A 215 14.73 17.68 -3.67
N SER A 216 14.39 17.49 -4.94
CA SER A 216 14.03 18.55 -5.91
C SER A 216 12.54 18.54 -6.25
N LEU A 217 11.85 17.45 -5.94
CA LEU A 217 10.51 17.15 -6.49
C LEU A 217 9.85 16.17 -5.51
N VAL A 218 8.54 16.32 -5.31
CA VAL A 218 7.71 15.37 -4.52
C VAL A 218 6.71 14.76 -5.48
N VAL A 219 6.54 13.45 -5.43
CA VAL A 219 5.67 12.67 -6.36
C VAL A 219 4.54 12.00 -5.59
N GLY A 220 3.29 12.37 -5.89
CA GLY A 220 2.07 11.77 -5.32
C GLY A 220 1.44 10.78 -6.27
N ARG A 221 0.55 9.96 -5.74
CA ARG A 221 -0.15 8.91 -6.51
C ARG A 221 -1.64 9.26 -6.50
N SER A 222 -2.01 10.29 -7.27
CA SER A 222 -3.42 10.66 -7.46
C SER A 222 -3.52 11.54 -8.70
N CYS A 223 -4.67 12.17 -8.88
CA CYS A 223 -4.96 13.00 -10.07
C CYS A 223 -6.17 13.89 -9.79
N VAL A 224 -6.31 14.94 -10.58
CA VAL A 224 -7.40 15.93 -10.38
C VAL A 224 -8.76 15.25 -10.59
N GLU A 225 -8.86 14.22 -11.42
CA GLU A 225 -10.15 13.50 -11.65
C GLU A 225 -10.63 12.87 -10.35
N PHE A 226 -9.72 12.34 -9.53
CA PHE A 226 -10.08 11.60 -8.30
C PHE A 226 -10.21 12.58 -7.13
N GLU A 227 -9.39 13.63 -7.11
CA GLU A 227 -9.38 14.64 -6.03
C GLU A 227 -9.45 16.05 -6.61
N PRO A 228 -10.57 16.42 -7.25
CA PRO A 228 -10.70 17.74 -7.86
C PRO A 228 -10.65 18.89 -6.84
N GLU A 229 -10.96 18.62 -5.58
CA GLU A 229 -11.02 19.68 -4.54
C GLU A 229 -9.61 20.01 -4.07
N THR A 230 -8.65 19.09 -4.20
CA THR A 230 -7.32 19.27 -3.57
C THR A 230 -6.23 19.53 -4.61
N VAL A 231 -6.18 18.75 -5.69
CA VAL A 231 -5.00 18.77 -6.61
C VAL A 231 -4.74 20.18 -7.13
N PRO A 232 -5.73 20.98 -7.57
CA PRO A 232 -5.45 22.33 -8.07
C PRO A 232 -4.89 23.29 -7.00
N LEU A 233 -5.12 23.00 -5.72
CA LEU A 233 -4.71 23.90 -4.59
C LEU A 233 -3.24 23.68 -4.25
N LEU A 234 -2.66 22.54 -4.62
CA LEU A 234 -1.27 22.17 -4.25
C LEU A 234 -0.29 22.75 -5.27
N SER A 235 0.82 23.27 -4.79
CA SER A 235 1.93 23.74 -5.66
C SER A 235 3.21 23.09 -5.16
N THR A 236 3.59 23.39 -3.91
CA THR A 236 4.88 23.02 -3.30
C THR A 236 4.64 22.40 -1.92
N LEU A 237 5.53 21.52 -1.48
CA LEU A 237 5.57 20.97 -0.11
C LEU A 237 6.90 21.40 0.51
N ARG A 238 6.87 22.30 1.47
CA ARG A 238 8.09 22.90 2.07
C ARG A 238 9.05 23.34 0.94
N GLY A 239 8.52 24.05 -0.04
CA GLY A 239 9.29 24.67 -1.12
C GLY A 239 9.53 23.76 -2.31
N LYS A 240 9.21 22.46 -2.21
CA LYS A 240 9.49 21.50 -3.30
C LYS A 240 8.24 21.39 -4.17
N PRO A 241 8.37 21.49 -5.51
CA PRO A 241 7.24 21.27 -6.40
C PRO A 241 6.64 19.86 -6.19
N ILE A 242 5.32 19.79 -6.21
CA ILE A 242 4.54 18.52 -6.14
C ILE A 242 4.07 18.16 -7.55
N THR A 243 4.26 16.91 -7.96
CA THR A 243 3.69 16.37 -9.21
C THR A 243 2.93 15.09 -8.87
N PHE A 244 1.89 14.79 -9.63
CA PHE A 244 1.07 13.58 -9.44
C PHE A 244 1.30 12.68 -10.64
N LEU A 245 1.63 11.41 -10.42
CA LEU A 245 1.86 10.45 -11.54
C LEU A 245 0.59 9.62 -11.78
N GLY A 246 -0.58 10.12 -11.35
CA GLY A 246 -1.86 9.42 -11.53
C GLY A 246 -2.10 8.41 -10.42
N LEU A 247 -3.17 7.62 -10.54
CA LEU A 247 -3.49 6.60 -9.49
C LEU A 247 -2.67 5.34 -9.71
N MET A 248 -2.09 5.16 -10.90
CA MET A 248 -1.24 3.98 -11.23
C MET A 248 -1.83 2.70 -10.63
N PRO A 249 -3.08 2.33 -11.01
CA PRO A 249 -3.68 1.08 -10.59
C PRO A 249 -2.87 -0.07 -11.19
N PRO A 250 -2.63 -1.16 -10.45
CA PRO A 250 -1.80 -2.24 -10.96
C PRO A 250 -2.33 -2.80 -12.30
N LEU A 251 -1.43 -3.16 -13.22
CA LEU A 251 -1.80 -3.75 -14.54
C LEU A 251 -2.19 -5.22 -14.34
N HIS A 252 -3.09 -5.71 -15.19
CA HIS A 252 -3.87 -6.99 -15.13
C HIS A 252 -3.20 -8.06 -14.28
N GLU A 253 -2.13 -8.70 -14.78
CA GLU A 253 -1.45 -9.85 -14.11
C GLU A 253 0.02 -9.51 -13.87
N GLY A 254 0.33 -8.23 -13.62
CA GLY A 254 1.69 -7.76 -13.29
C GLY A 254 2.29 -8.53 -12.13
N ARG A 255 1.46 -9.02 -11.20
CA ARG A 255 1.95 -9.73 -9.98
C ARG A 255 2.12 -11.23 -10.25
N ARG A 256 1.53 -11.74 -11.34
CA ARG A 256 1.66 -13.17 -11.71
C ARG A 256 1.30 -14.01 -10.48
N GLU A 257 0.14 -13.73 -9.87
CA GLU A 257 -0.39 -14.48 -8.71
C GLU A 257 -0.84 -15.87 -9.15
N ASP A 258 -1.03 -16.79 -8.18
CA ASP A 258 -1.55 -18.15 -8.42
C ASP A 258 -3.09 -18.08 -8.40
N GLY A 259 -3.73 -18.23 -9.56
CA GLY A 259 -5.20 -18.27 -9.71
C GLY A 259 -5.80 -19.58 -9.24
N GLU A 260 -4.97 -20.55 -8.84
CA GLU A 260 -5.39 -21.85 -8.25
C GLU A 260 -5.16 -21.82 -6.74
N ASP A 261 -4.80 -20.67 -6.18
CA ASP A 261 -4.70 -20.49 -4.71
C ASP A 261 -6.00 -20.98 -4.06
N ALA A 262 -5.89 -21.65 -2.91
CA ALA A 262 -7.01 -22.25 -2.17
C ALA A 262 -8.07 -21.16 -1.84
N THR A 263 -7.64 -19.91 -1.64
CA THR A 263 -8.59 -18.81 -1.34
C THR A 263 -9.45 -18.54 -2.58
N VAL A 264 -8.86 -18.56 -3.78
CA VAL A 264 -9.60 -18.23 -5.02
C VAL A 264 -10.54 -19.39 -5.35
N ARG A 265 -10.10 -20.64 -5.14
CA ARG A 265 -10.96 -21.83 -5.41
C ARG A 265 -12.16 -21.80 -4.43
N TRP A 266 -11.97 -21.29 -3.22
CA TRP A 266 -13.12 -21.13 -2.27
C TRP A 266 -14.08 -20.09 -2.84
N LEU A 267 -13.57 -18.95 -3.31
CA LEU A 267 -14.44 -17.88 -3.89
C LEU A 267 -15.23 -18.42 -5.08
N ASP A 268 -14.65 -19.29 -5.91
CA ASP A 268 -15.31 -19.84 -7.12
C ASP A 268 -16.65 -20.49 -6.72
N ALA A 269 -16.76 -21.00 -5.49
CA ALA A 269 -17.94 -21.77 -5.01
C ALA A 269 -18.98 -20.85 -4.37
N GLN A 270 -18.73 -19.55 -4.25
CA GLN A 270 -19.66 -18.62 -3.56
C GLN A 270 -20.49 -17.83 -4.57
N PRO A 271 -21.68 -17.35 -4.17
CA PRO A 271 -22.53 -16.52 -5.03
C PRO A 271 -21.93 -15.14 -5.33
N ALA A 272 -22.34 -14.55 -6.45
CA ALA A 272 -21.84 -13.25 -6.93
C ALA A 272 -22.00 -12.20 -5.81
N LYS A 273 -20.94 -11.46 -5.56
CA LYS A 273 -20.91 -10.27 -4.66
C LYS A 273 -21.42 -10.63 -3.26
N SER A 274 -21.21 -11.87 -2.80
CA SER A 274 -21.71 -12.36 -1.49
C SER A 274 -20.63 -12.29 -0.40
N VAL A 275 -19.36 -12.19 -0.79
CA VAL A 275 -18.22 -12.36 0.15
C VAL A 275 -17.66 -10.98 0.50
N VAL A 276 -17.55 -10.72 1.80
CA VAL A 276 -16.74 -9.60 2.34
C VAL A 276 -15.30 -10.11 2.43
N TYR A 277 -14.41 -9.51 1.64
CA TYR A 277 -12.95 -9.72 1.74
C TYR A 277 -12.44 -8.80 2.84
N VAL A 278 -11.66 -9.37 3.76
CA VAL A 278 -11.08 -8.66 4.94
C VAL A 278 -9.57 -8.73 4.82
N ALA A 279 -8.88 -7.59 4.74
CA ALA A 279 -7.40 -7.56 4.75
C ALA A 279 -6.92 -6.22 5.25
N LEU A 280 -5.84 -6.23 6.03
CA LEU A 280 -5.24 -5.02 6.64
C LEU A 280 -3.82 -4.81 6.11
N GLY A 281 -3.61 -5.09 4.82
CA GLY A 281 -2.30 -4.87 4.16
C GLY A 281 -1.20 -5.75 4.76
N SER A 282 0.03 -5.26 4.72
CA SER A 282 1.25 -6.09 4.89
C SER A 282 1.93 -5.85 6.24
N GLU A 283 1.56 -4.82 7.03
CA GLU A 283 2.41 -4.48 8.22
C GLU A 283 1.65 -3.92 9.44
N VAL A 284 0.49 -3.27 9.29
CA VAL A 284 -0.11 -2.60 10.50
C VAL A 284 -0.33 -3.64 11.59
N PRO A 285 -0.04 -3.27 12.86
CA PRO A 285 -0.32 -4.17 13.98
C PRO A 285 -1.83 -4.24 14.27
N LEU A 286 -2.29 -5.42 14.67
CA LEU A 286 -3.61 -5.61 15.32
C LEU A 286 -3.43 -6.66 16.41
N GLY A 287 -3.39 -6.23 17.67
CA GLY A 287 -3.13 -7.10 18.82
C GLY A 287 -4.24 -8.13 18.96
N VAL A 288 -3.99 -9.22 19.70
CA VAL A 288 -4.91 -10.40 19.74
C VAL A 288 -6.30 -9.98 20.24
N GLU A 289 -6.40 -9.05 21.19
CA GLU A 289 -7.73 -8.58 21.69
C GLU A 289 -8.52 -7.94 20.53
N LYS A 290 -7.84 -7.15 19.70
CA LYS A 290 -8.49 -6.45 18.55
C LYS A 290 -8.84 -7.48 17.47
N VAL A 291 -7.97 -8.46 17.25
CA VAL A 291 -8.25 -9.60 16.31
C VAL A 291 -9.56 -10.26 16.75
N HIS A 292 -9.72 -10.56 18.04
CA HIS A 292 -10.95 -11.22 18.55
C HIS A 292 -12.18 -10.34 18.29
N GLU A 293 -12.10 -9.03 18.52
CA GLU A 293 -13.27 -8.13 18.29
C GLU A 293 -13.61 -8.12 16.80
N LEU A 294 -12.58 -8.04 15.94
CA LEU A 294 -12.79 -8.05 14.47
C LEU A 294 -13.46 -9.39 14.09
N ALA A 295 -12.98 -10.52 14.62
CA ALA A 295 -13.51 -11.88 14.32
C ALA A 295 -14.98 -11.95 14.76
N LEU A 296 -15.26 -11.58 16.00
CA LEU A 296 -16.64 -11.67 16.54
C LEU A 296 -17.57 -10.70 15.79
N GLY A 297 -17.08 -9.54 15.34
CA GLY A 297 -17.91 -8.62 14.53
C GLY A 297 -18.23 -9.19 13.16
N LEU A 298 -17.26 -9.82 12.52
CA LEU A 298 -17.46 -10.50 11.21
C LEU A 298 -18.51 -11.60 11.38
N GLU A 299 -18.43 -12.34 12.48
CA GLU A 299 -19.39 -13.44 12.74
C GLU A 299 -20.77 -12.82 12.92
N LEU A 300 -20.86 -11.78 13.75
CA LEU A 300 -22.15 -11.16 14.16
C LEU A 300 -22.89 -10.65 12.93
N ALA A 301 -22.21 -10.05 11.94
CA ALA A 301 -22.88 -9.45 10.77
C ALA A 301 -23.38 -10.55 9.81
N GLY A 302 -22.89 -11.78 9.94
CA GLY A 302 -23.51 -12.96 9.29
C GLY A 302 -23.13 -13.17 7.84
N THR A 303 -22.32 -12.29 7.22
CA THR A 303 -21.97 -12.42 5.79
C THR A 303 -20.95 -13.55 5.59
N ARG A 304 -20.88 -14.05 4.36
CA ARG A 304 -19.73 -14.82 3.89
C ARG A 304 -18.49 -13.91 3.97
N PHE A 305 -17.34 -14.48 4.27
CA PHE A 305 -16.10 -13.67 4.40
C PHE A 305 -14.86 -14.49 4.03
N LEU A 306 -13.84 -13.77 3.54
CA LEU A 306 -12.48 -14.30 3.29
C LEU A 306 -11.52 -13.32 3.93
N TRP A 307 -10.79 -13.78 4.96
CA TRP A 307 -9.99 -12.91 5.86
C TRP A 307 -8.53 -13.31 5.77
N ALA A 308 -7.72 -12.43 5.17
CA ALA A 308 -6.24 -12.47 5.16
C ALA A 308 -5.77 -11.79 6.45
N LEU A 309 -5.32 -12.59 7.41
CA LEU A 309 -5.00 -12.15 8.78
C LEU A 309 -3.51 -12.40 9.04
N ARG A 310 -2.80 -11.37 9.52
CA ARG A 310 -1.41 -11.51 9.99
C ARG A 310 -1.48 -11.75 11.51
N LYS A 311 -0.65 -12.66 12.03
CA LYS A 311 -0.67 -12.99 13.47
C LYS A 311 0.09 -11.94 14.25
N PRO A 312 -0.41 -11.51 15.44
CA PRO A 312 0.39 -10.71 16.35
C PRO A 312 1.58 -11.57 16.82
N THR A 313 2.70 -10.94 17.14
CA THR A 313 3.93 -11.63 17.58
C THR A 313 3.62 -12.43 18.85
N GLY A 314 4.09 -13.68 18.91
CA GLY A 314 4.03 -14.55 20.10
C GLY A 314 2.74 -15.35 20.17
N VAL A 315 1.73 -15.01 19.38
CA VAL A 315 0.36 -15.57 19.51
C VAL A 315 0.32 -16.91 18.75
N SER A 316 -0.01 -17.99 19.45
CA SER A 316 -0.20 -19.35 18.88
C SER A 316 -1.45 -19.36 18.00
N ASP A 317 -1.49 -20.25 17.01
CA ASP A 317 -2.69 -20.51 16.17
C ASP A 317 -3.90 -20.74 17.09
N ALA A 318 -3.73 -21.45 18.21
CA ALA A 318 -4.81 -21.80 19.17
C ALA A 318 -5.38 -20.54 19.84
N ASP A 319 -4.58 -19.51 20.11
CA ASP A 319 -5.02 -18.29 20.84
C ASP A 319 -5.45 -17.18 19.85
N LEU A 320 -5.16 -17.34 18.56
CA LEU A 320 -5.28 -16.24 17.57
C LEU A 320 -6.74 -15.77 17.45
N LEU A 321 -7.67 -16.71 17.43
CA LEU A 321 -9.10 -16.42 17.11
C LEU A 321 -9.95 -16.82 18.31
N PRO A 322 -11.14 -16.21 18.48
CA PRO A 322 -12.03 -16.57 19.59
C PRO A 322 -12.30 -18.08 19.58
N ALA A 323 -12.44 -18.67 20.77
CA ALA A 323 -12.74 -20.11 20.93
C ALA A 323 -13.98 -20.46 20.10
N GLY A 324 -13.85 -21.43 19.19
CA GLY A 324 -14.98 -21.98 18.40
C GLY A 324 -15.34 -21.13 17.20
N PHE A 325 -14.70 -19.97 16.99
CA PHE A 325 -15.11 -19.04 15.90
C PHE A 325 -15.02 -19.75 14.54
N GLU A 326 -13.93 -20.47 14.27
CA GLU A 326 -13.68 -21.12 12.95
C GLU A 326 -14.66 -22.28 12.77
N GLU A 327 -14.96 -23.02 13.83
CA GLU A 327 -15.95 -24.14 13.81
C GLU A 327 -17.33 -23.59 13.44
N ARG A 328 -17.75 -22.50 14.10
CA ARG A 328 -19.10 -21.91 13.92
C ARG A 328 -19.24 -21.32 12.51
N THR A 329 -18.18 -20.70 11.96
CA THR A 329 -18.25 -19.94 10.69
C THR A 329 -17.74 -20.73 9.48
N ARG A 330 -17.22 -21.95 9.68
CA ARG A 330 -16.65 -22.84 8.62
C ARG A 330 -17.52 -22.81 7.36
N GLY A 331 -18.84 -22.81 7.49
CA GLY A 331 -19.76 -22.94 6.35
C GLY A 331 -19.94 -21.65 5.55
N ARG A 332 -19.42 -20.51 6.03
CA ARG A 332 -19.62 -19.20 5.33
C ARG A 332 -18.33 -18.38 5.25
N GLY A 333 -17.26 -18.73 5.96
CA GLY A 333 -16.06 -17.89 5.99
C GLY A 333 -14.78 -18.69 6.11
N VAL A 334 -13.69 -18.10 5.62
CA VAL A 334 -12.33 -18.69 5.59
C VAL A 334 -11.37 -17.65 6.15
N VAL A 335 -10.49 -18.06 7.06
CA VAL A 335 -9.35 -17.25 7.56
C VAL A 335 -8.07 -17.85 6.99
N ALA A 336 -7.25 -17.03 6.34
CA ALA A 336 -5.92 -17.40 5.80
C ALA A 336 -4.87 -16.61 6.58
N THR A 337 -3.95 -17.27 7.28
CA THR A 337 -2.86 -16.58 8.02
C THR A 337 -1.56 -16.61 7.20
N ARG A 338 -1.68 -16.33 5.91
CA ARG A 338 -0.53 -16.29 4.99
C ARG A 338 -0.80 -15.16 4.00
N TRP A 339 0.22 -14.81 3.24
CA TRP A 339 0.10 -13.87 2.10
C TRP A 339 -0.91 -14.43 1.09
N VAL A 340 -1.91 -13.64 0.72
CA VAL A 340 -2.97 -14.06 -0.23
C VAL A 340 -2.80 -13.28 -1.53
N PRO A 341 -3.30 -13.81 -2.67
CA PRO A 341 -3.25 -13.10 -3.95
C PRO A 341 -4.35 -12.03 -4.00
N GLN A 342 -4.12 -10.90 -3.35
CA GLN A 342 -5.18 -9.88 -3.15
C GLN A 342 -5.77 -9.42 -4.51
N MET A 343 -4.97 -9.28 -5.57
CA MET A 343 -5.51 -8.77 -6.87
C MET A 343 -6.49 -9.80 -7.48
N SER A 344 -6.15 -11.09 -7.43
CA SER A 344 -7.04 -12.17 -7.93
C SER A 344 -8.34 -12.20 -7.11
N ILE A 345 -8.22 -12.01 -5.80
CA ILE A 345 -9.40 -11.97 -4.88
C ILE A 345 -10.28 -10.76 -5.22
N LEU A 346 -9.71 -9.55 -5.34
CA LEU A 346 -10.52 -8.34 -5.61
C LEU A 346 -11.13 -8.38 -7.02
N ALA A 347 -10.49 -9.07 -7.96
CA ALA A 347 -11.03 -9.24 -9.34
C ALA A 347 -12.19 -10.24 -9.36
N HIS A 348 -12.38 -11.05 -8.31
CA HIS A 348 -13.29 -12.22 -8.31
C HIS A 348 -14.75 -11.76 -8.22
N ALA A 349 -15.65 -12.41 -8.98
CA ALA A 349 -17.09 -12.08 -9.03
C ALA A 349 -17.78 -12.28 -7.66
N ALA A 350 -17.23 -13.12 -6.78
CA ALA A 350 -17.87 -13.48 -5.49
C ALA A 350 -17.70 -12.32 -4.48
N VAL A 351 -16.70 -11.45 -4.67
CA VAL A 351 -16.39 -10.41 -3.65
C VAL A 351 -17.31 -9.21 -3.86
N GLY A 352 -17.99 -8.79 -2.80
CA GLY A 352 -18.83 -7.57 -2.77
C GLY A 352 -18.07 -6.46 -2.05
N ALA A 353 -18.14 -6.40 -0.74
CA ALA A 353 -17.51 -5.32 0.04
C ALA A 353 -16.08 -5.73 0.43
N PHE A 354 -15.24 -4.75 0.70
CA PHE A 354 -13.85 -4.93 1.14
C PHE A 354 -13.70 -4.26 2.50
N LEU A 355 -13.46 -5.05 3.54
CA LEU A 355 -13.10 -4.54 4.89
C LEU A 355 -11.58 -4.32 4.87
N THR A 356 -11.18 -3.05 4.80
CA THR A 356 -9.81 -2.64 4.48
C THR A 356 -9.29 -1.69 5.56
N HIS A 357 -7.99 -1.72 5.82
CA HIS A 357 -7.29 -0.73 6.66
C HIS A 357 -7.09 0.58 5.90
N CYS A 358 -7.40 0.67 4.60
CA CYS A 358 -7.34 1.94 3.82
C CYS A 358 -5.88 2.33 3.60
N GLY A 359 -4.96 1.37 3.57
CA GLY A 359 -3.69 1.58 2.86
C GLY A 359 -3.99 2.07 1.45
N TRP A 360 -3.13 2.90 0.87
CA TRP A 360 -3.47 3.52 -0.43
C TRP A 360 -3.50 2.48 -1.56
N ASN A 361 -2.62 1.46 -1.52
CA ASN A 361 -2.66 0.40 -2.55
C ASN A 361 -4.02 -0.31 -2.47
N SER A 362 -4.41 -0.73 -1.26
CA SER A 362 -5.67 -1.49 -1.05
C SER A 362 -6.89 -0.62 -1.40
N THR A 363 -6.83 0.67 -1.09
CA THR A 363 -7.93 1.60 -1.45
C THR A 363 -8.11 1.61 -2.98
N ILE A 364 -7.00 1.81 -3.70
CA ILE A 364 -7.02 1.85 -5.20
C ILE A 364 -7.48 0.50 -5.77
N GLU A 365 -6.94 -0.59 -5.23
CA GLU A 365 -7.23 -1.95 -5.74
C GLU A 365 -8.70 -2.28 -5.48
N GLY A 366 -9.24 -1.91 -4.31
CA GLY A 366 -10.65 -2.16 -4.00
C GLY A 366 -11.56 -1.42 -4.96
N LEU A 367 -11.29 -0.14 -5.21
CA LEU A 367 -12.15 0.75 -6.03
C LEU A 367 -11.96 0.45 -7.51
N MET A 368 -10.81 -0.08 -7.93
CA MET A 368 -10.61 -0.37 -9.37
C MET A 368 -11.54 -1.52 -9.80
N PHE A 369 -12.07 -2.30 -8.85
CA PHE A 369 -13.08 -3.36 -9.10
C PHE A 369 -14.45 -2.98 -8.54
N GLY A 370 -14.64 -1.71 -8.19
CA GLY A 370 -15.94 -1.14 -7.74
C GLY A 370 -16.44 -1.71 -6.42
N HIS A 371 -15.56 -2.13 -5.52
CA HIS A 371 -15.98 -2.63 -4.18
C HIS A 371 -16.19 -1.43 -3.27
N PRO A 372 -17.35 -1.33 -2.60
CA PRO A 372 -17.50 -0.39 -1.49
C PRO A 372 -16.65 -0.85 -0.30
N LEU A 373 -16.20 0.12 0.50
CA LEU A 373 -15.19 -0.15 1.55
C LEU A 373 -15.81 -0.08 2.94
N ILE A 374 -15.44 -1.04 3.77
CA ILE A 374 -15.75 -1.03 5.23
C ILE A 374 -14.41 -0.73 5.88
N MET A 375 -14.26 0.47 6.45
CA MET A 375 -12.93 1.06 6.66
C MET A 375 -12.51 1.00 8.13
N LEU A 376 -11.33 0.40 8.35
CA LEU A 376 -10.73 0.24 9.69
C LEU A 376 -9.29 0.77 9.66
N PRO A 377 -9.09 2.10 9.50
CA PRO A 377 -7.73 2.66 9.44
C PRO A 377 -7.00 2.44 10.76
N ILE A 378 -5.70 2.17 10.68
CA ILE A 378 -4.87 1.87 11.88
C ILE A 378 -3.85 2.98 12.10
N PHE A 379 -3.09 3.42 11.09
CA PHE A 379 -2.01 4.43 11.29
C PHE A 379 -1.70 5.16 9.98
N GLY A 380 -0.86 6.20 10.10
CA GLY A 380 -0.30 6.92 8.95
C GLY A 380 -1.35 7.54 8.06
N ASP A 381 -1.28 7.27 6.76
CA ASP A 381 -2.19 7.91 5.77
C ASP A 381 -3.55 7.22 5.77
N GLN A 382 -3.74 6.16 6.57
CA GLN A 382 -4.99 5.34 6.52
C GLN A 382 -6.18 6.17 6.96
N GLY A 383 -6.05 6.91 8.04
CA GLY A 383 -7.13 7.80 8.52
C GLY A 383 -7.56 8.78 7.43
N PRO A 384 -6.64 9.60 6.89
CA PRO A 384 -6.95 10.50 5.77
C PRO A 384 -7.56 9.77 4.57
N ASN A 385 -7.06 8.58 4.24
CA ASN A 385 -7.58 7.80 3.08
C ASN A 385 -9.04 7.43 3.36
N ALA A 386 -9.35 6.98 4.58
CA ALA A 386 -10.72 6.53 4.96
C ALA A 386 -11.67 7.72 4.87
N ARG A 387 -11.28 8.88 5.38
CA ARG A 387 -12.13 10.09 5.37
C ARG A 387 -12.37 10.56 3.93
N LEU A 388 -11.36 10.43 3.06
CA LEU A 388 -11.49 10.83 1.64
C LEU A 388 -12.58 9.99 0.97
N ILE A 389 -12.53 8.67 1.17
CA ILE A 389 -13.50 7.75 0.52
C ILE A 389 -14.88 7.93 1.17
N GLU A 390 -14.95 8.15 2.48
CA GLU A 390 -16.26 8.36 3.17
C GLU A 390 -16.92 9.61 2.56
N ALA A 391 -16.12 10.62 2.24
CA ALA A 391 -16.60 11.90 1.67
C ALA A 391 -17.12 11.67 0.24
N LYS A 392 -16.75 10.58 -0.40
CA LYS A 392 -17.24 10.21 -1.76
C LYS A 392 -18.39 9.20 -1.64
N ASN A 393 -18.82 8.86 -0.42
CA ASN A 393 -20.02 8.03 -0.15
C ASN A 393 -19.80 6.60 -0.65
N ALA A 394 -18.55 6.16 -0.78
CA ALA A 394 -18.19 4.84 -1.36
C ALA A 394 -17.71 3.89 -0.25
N GLY A 395 -17.80 4.34 0.99
CA GLY A 395 -17.43 3.47 2.13
C GLY A 395 -17.87 4.09 3.44
N LEU A 396 -17.77 3.31 4.51
CA LEU A 396 -18.17 3.74 5.86
C LEU A 396 -17.06 3.29 6.81
N GLN A 397 -16.62 4.18 7.70
CA GLN A 397 -15.65 3.77 8.73
C GLN A 397 -16.37 2.99 9.82
N VAL A 398 -15.69 1.97 10.37
CA VAL A 398 -16.07 1.32 11.65
C VAL A 398 -16.03 2.39 12.75
N ALA A 399 -17.07 2.47 13.59
CA ALA A 399 -17.10 3.43 14.72
C ALA A 399 -15.85 3.24 15.58
N ARG A 400 -15.22 4.35 15.98
CA ARG A 400 -14.06 4.33 16.89
C ARG A 400 -14.34 5.24 18.10
N ASN A 401 -13.84 4.85 19.25
N ASN A 401 -13.88 4.81 19.27
CA ASN A 401 -13.90 5.67 20.49
CA ASN A 401 -13.80 5.66 20.49
C ASN A 401 -12.86 6.78 20.36
C ASN A 401 -12.86 6.83 20.19
N ASP A 402 -13.30 8.05 20.48
CA ASP A 402 -12.43 9.26 20.36
C ASP A 402 -11.43 9.24 21.53
N GLY A 403 -10.13 9.32 21.21
CA GLY A 403 -9.04 9.41 22.21
C GLY A 403 -8.02 8.30 22.06
N ASP A 404 -8.47 7.05 22.10
CA ASP A 404 -7.61 5.84 22.02
C ASP A 404 -7.84 5.10 20.68
N GLY A 405 -8.96 5.37 19.99
CA GLY A 405 -9.22 4.83 18.63
C GLY A 405 -9.63 3.36 18.66
N SER A 406 -10.13 2.89 19.80
CA SER A 406 -10.57 1.49 19.98
C SER A 406 -11.83 1.24 19.14
N PHE A 407 -12.13 -0.02 18.86
CA PHE A 407 -13.37 -0.46 18.19
C PHE A 407 -13.85 -1.72 18.88
N ASP A 408 -15.07 -2.13 18.59
CA ASP A 408 -15.61 -3.38 19.20
C ASP A 408 -16.42 -4.12 18.15
N ARG A 409 -16.77 -5.37 18.47
CA ARG A 409 -17.48 -6.30 17.58
C ARG A 409 -18.78 -5.68 17.08
N GLU A 410 -19.48 -4.91 17.93
CA GLU A 410 -20.79 -4.31 17.53
C GLU A 410 -20.55 -3.25 16.46
N GLY A 411 -19.50 -2.44 16.61
CA GLY A 411 -19.14 -1.42 15.62
C GLY A 411 -18.74 -2.06 14.30
N VAL A 412 -17.93 -3.11 14.37
CA VAL A 412 -17.53 -3.87 13.16
C VAL A 412 -18.80 -4.40 12.48
N ALA A 413 -19.67 -5.07 13.23
CA ALA A 413 -20.87 -5.71 12.64
C ALA A 413 -21.74 -4.63 12.01
N ALA A 414 -21.93 -3.51 12.68
CA ALA A 414 -22.84 -2.43 12.22
C ALA A 414 -22.36 -1.88 10.87
N ALA A 415 -21.04 -1.68 10.71
CA ALA A 415 -20.43 -1.18 9.46
C ALA A 415 -20.63 -2.18 8.33
N ILE A 416 -20.37 -3.46 8.60
CA ILE A 416 -20.59 -4.55 7.61
C ILE A 416 -22.06 -4.55 7.15
N ARG A 417 -23.01 -4.50 8.08
CA ARG A 417 -24.44 -4.57 7.71
C ARG A 417 -24.78 -3.35 6.84
N ALA A 418 -24.29 -2.15 7.19
CA ALA A 418 -24.64 -0.89 6.48
C ALA A 418 -24.09 -0.93 5.05
N VAL A 419 -22.87 -1.43 4.88
CA VAL A 419 -22.20 -1.38 3.55
C VAL A 419 -22.62 -2.59 2.70
N ALA A 420 -22.79 -3.78 3.29
CA ALA A 420 -22.88 -5.07 2.58
C ALA A 420 -24.27 -5.71 2.61
N VAL A 421 -25.14 -5.38 3.58
CA VAL A 421 -26.37 -6.18 3.83
C VAL A 421 -27.65 -5.34 3.65
N GLU A 422 -27.86 -4.28 4.43
CA GLU A 422 -29.13 -3.51 4.38
C GLU A 422 -29.40 -3.12 2.93
N GLU A 423 -30.57 -3.48 2.40
N GLU A 423 -30.60 -3.47 2.41
CA GLU A 423 -30.85 -3.40 0.93
CA GLU A 423 -30.93 -3.38 0.96
C GLU A 423 -30.63 -1.95 0.43
C GLU A 423 -30.66 -1.97 0.43
N GLU A 424 -31.13 -0.94 1.13
CA GLU A 424 -31.13 0.44 0.59
C GLU A 424 -29.72 1.05 0.75
N SER A 425 -29.10 0.98 1.91
CA SER A 425 -27.76 1.60 2.09
C SER A 425 -26.75 0.86 1.19
N SER A 426 -26.79 -0.46 1.14
CA SER A 426 -25.79 -1.28 0.39
C SER A 426 -25.87 -0.93 -1.11
N LYS A 427 -27.08 -0.77 -1.64
CA LYS A 427 -27.31 -0.37 -3.06
C LYS A 427 -26.60 0.99 -3.32
N VAL A 428 -26.75 1.96 -2.43
CA VAL A 428 -26.14 3.31 -2.66
C VAL A 428 -24.62 3.17 -2.56
N PHE A 429 -24.08 2.46 -1.56
CA PHE A 429 -22.62 2.27 -1.44
C PHE A 429 -22.10 1.64 -2.73
N GLN A 430 -22.80 0.63 -3.26
CA GLN A 430 -22.34 -0.07 -4.48
C GLN A 430 -22.30 0.92 -5.65
N ALA A 431 -23.33 1.77 -5.80
CA ALA A 431 -23.47 2.69 -6.94
C ALA A 431 -22.36 3.74 -6.87
N LYS A 432 -22.08 4.25 -5.67
CA LYS A 432 -21.04 5.28 -5.43
C LYS A 432 -19.67 4.66 -5.72
N ALA A 433 -19.42 3.41 -5.28
CA ALA A 433 -18.13 2.73 -5.56
C ALA A 433 -17.96 2.54 -7.07
N LYS A 434 -19.05 2.26 -7.80
CA LYS A 434 -19.00 2.12 -9.27
C LYS A 434 -18.64 3.45 -9.93
N LYS A 435 -19.12 4.59 -9.42
CA LYS A 435 -18.73 5.92 -9.94
C LYS A 435 -17.22 6.11 -9.76
N LEU A 436 -16.66 5.68 -8.63
CA LEU A 436 -15.20 5.86 -8.40
C LEU A 436 -14.43 4.91 -9.33
N GLN A 437 -14.94 3.71 -9.56
CA GLN A 437 -14.30 2.70 -10.43
C GLN A 437 -14.11 3.29 -11.84
N GLU A 438 -15.05 4.10 -12.30
CA GLU A 438 -14.98 4.75 -13.64
C GLU A 438 -13.70 5.59 -13.73
N ILE A 439 -13.31 6.23 -12.63
CA ILE A 439 -12.07 7.08 -12.54
C ILE A 439 -10.86 6.18 -12.29
N VAL A 440 -10.95 5.29 -11.30
CA VAL A 440 -9.78 4.54 -10.79
C VAL A 440 -9.32 3.56 -11.88
N ALA A 441 -10.26 2.96 -12.60
CA ALA A 441 -9.97 1.88 -13.58
C ALA A 441 -9.89 2.43 -15.01
N ASP A 442 -9.83 3.76 -15.20
CA ASP A 442 -9.56 4.39 -16.51
C ASP A 442 -8.06 4.22 -16.82
N MET A 443 -7.69 3.06 -17.37
CA MET A 443 -6.28 2.62 -17.51
C MET A 443 -5.55 3.58 -18.47
N ALA A 444 -6.22 4.06 -19.51
CA ALA A 444 -5.62 5.00 -20.49
C ALA A 444 -5.27 6.33 -19.81
N CYS A 445 -6.19 6.86 -18.99
CA CYS A 445 -6.00 8.08 -18.17
C CYS A 445 -4.73 7.95 -17.33
N HIS A 446 -4.54 6.82 -16.66
CA HIS A 446 -3.39 6.62 -15.74
C HIS A 446 -2.10 6.41 -16.56
N GLU A 447 -2.17 5.84 -17.76
CA GLU A 447 -0.94 5.72 -18.60
C GLU A 447 -0.55 7.13 -19.07
N ARG A 448 -1.50 8.00 -19.38
CA ARG A 448 -1.20 9.40 -19.78
C ARG A 448 -0.48 10.12 -18.62
N TYR A 449 -0.91 9.91 -17.38
CA TYR A 449 -0.26 10.54 -16.20
C TYR A 449 1.17 10.02 -16.06
N ILE A 450 1.44 8.74 -16.33
CA ILE A 450 2.82 8.18 -16.30
C ILE A 450 3.66 8.91 -17.37
N ASP A 451 3.13 9.04 -18.59
CA ASP A 451 3.78 9.79 -19.70
C ASP A 451 4.12 11.21 -19.21
N GLY A 452 3.14 11.90 -18.63
CA GLY A 452 3.28 13.27 -18.10
C GLY A 452 4.38 13.36 -17.06
N PHE A 453 4.48 12.34 -16.20
CA PHE A 453 5.50 12.28 -15.13
C PHE A 453 6.89 12.15 -15.77
N ILE A 454 7.05 11.18 -16.68
CA ILE A 454 8.32 10.99 -17.42
C ILE A 454 8.71 12.32 -18.07
N GLN A 455 7.76 13.02 -18.70
CA GLN A 455 8.08 14.28 -19.42
C GLN A 455 8.60 15.31 -18.43
N GLN A 456 8.01 15.39 -17.24
CA GLN A 456 8.44 16.33 -16.16
C GLN A 456 9.86 15.98 -15.67
N LEU A 457 10.20 14.70 -15.55
CA LEU A 457 11.58 14.24 -15.26
C LEU A 457 12.51 14.71 -16.37
N ARG A 458 12.11 14.56 -17.63
CA ARG A 458 12.94 14.92 -18.81
C ARG A 458 13.19 16.43 -18.84
N SER A 459 12.16 17.24 -18.58
CA SER A 459 12.16 18.72 -18.72
C SER A 459 13.08 19.37 -17.69
N TYR A 460 13.19 18.81 -16.48
CA TYR A 460 14.12 19.26 -15.41
C TYR A 460 15.57 19.15 -15.91
N LYS A 461 15.90 18.03 -16.58
CA LYS A 461 17.25 17.76 -17.16
C LYS A 461 17.58 18.79 -18.24
N ASP A 462 16.60 19.10 -19.11
CA ASP A 462 16.76 20.01 -20.28
C ASP A 462 16.51 21.46 -19.84
N1 UDP B . -1.19 -7.59 -0.26
C2 UDP B . -1.32 -8.86 -0.85
N3 UDP B . -1.62 -9.93 -0.09
C4 UDP B . -1.78 -9.82 1.24
C5 UDP B . -1.64 -8.57 1.85
C6 UDP B . -1.34 -7.46 1.07
O2 UDP B . -1.19 -9.00 -2.08
O4 UDP B . -2.03 -10.83 1.92
C1' UDP B . -0.83 -6.46 -1.10
C2' UDP B . -1.97 -5.56 -1.52
O2' UDP B . -2.53 -6.00 -2.75
C3' UDP B . -1.30 -4.20 -1.62
C4' UDP B . -0.18 -4.27 -0.59
O4' UDP B . 0.05 -5.66 -0.32
O3' UDP B . -0.73 -3.95 -2.92
C5' UDP B . -0.56 -3.58 0.71
O5' UDP B . -0.40 -2.18 0.51
PA UDP B . -1.31 -1.11 1.28
O1A UDP B . -2.75 -1.53 1.06
O2A UDP B . -0.89 0.24 0.77
O3A UDP B . -1.02 -1.29 2.85
PB UDP B . 0.37 -1.43 3.70
O1B UDP B . 0.79 -2.87 3.59
O2B UDP B . -0.07 -0.97 5.05
O3B UDP B . 1.35 -0.45 3.08
C1 JDF C . 4.21 4.77 6.65
C2 JDF C . 4.84 3.74 5.71
C3 JDF C . 5.09 2.43 6.45
O3 JDF C . 5.76 1.50 5.60
C4 JDF C . 5.92 2.70 7.70
C5 JDF C . 5.17 3.68 8.58
C6 JDF C . 5.92 4.05 9.84
CAH JDF C . 3.38 9.51 6.85
CAI JDF C . 2.13 9.64 7.72
CAJ JDF C . 2.06 11.03 8.32
CAK JDF C . 3.24 11.36 9.23
CAN JDF C . 3.17 10.64 10.58
CAL JDF C . 3.20 12.85 9.68
CAM JDF C . 3.82 12.87 11.06
CAA JDF C . 4.02 13.92 11.84
CAO JDF C . 4.20 11.43 11.42
OAW JDF C . 4.07 11.16 12.81
CAP JDF C . 5.60 11.09 10.90
CAQ JDF C . 5.78 11.40 9.41
CAR JDF C . 4.58 11.08 8.49
CAS JDF C . 4.68 9.70 7.70
CAT JDF C . 4.96 8.51 8.64
CAU JDF C . 5.84 9.83 6.71
CAV JDF C . 5.94 8.68 5.72
CAF JDF C . 4.67 8.50 4.93
CAE JDF C . 3.41 8.33 5.81
CAG JDF C . 2.18 8.41 4.89
CAC JDF C . 3.30 6.94 6.46
OAD JDF C . 2.49 6.69 7.31
O1 JDF C . 4.16 6.03 5.97
O5 JDF C . 4.97 4.91 7.83
O6 JDF C . 5.14 4.87 10.70
O4 JDF C . 6.17 1.48 8.39
O2 JDF C . 3.96 3.50 4.61
#